data_5FCS
#
_entry.id   5FCS
#
_cell.length_a   142.811
_cell.length_b   142.811
_cell.length_c   62.685
_cell.angle_alpha   90.00
_cell.angle_beta   90.00
_cell.angle_gamma   120.00
#
_symmetry.space_group_name_H-M   'P 3 2 1'
#
loop_
_entity.id
_entity.type
_entity.pdbx_description
1 polymer Diabody
2 polymer Diabody
3 non-polymer 'SULFATE ION'
4 water water
#
loop_
_entity_poly.entity_id
_entity_poly.type
_entity_poly.pdbx_seq_one_letter_code
_entity_poly.pdbx_strand_id
1 'polypeptide(L)'
;QAVVTQEPSLTVSPGGTVTLTCRSSTGAVTTSNYANWVQQKPGQAPRGLIGGTNKRAPWTPARFSGSLLGGKAALTITGA
QAEDEADYYCALWYSNLWVFGGGTKLTVLGGGGSGGGGEVQLVQSGAEVKKPGASVKVSCKASGYTFTSYGISWVRQAPG
QGLEWMGWISAYNGNTNYAQKLQGRVTMTTDTSTSTAYMELRSLRSDDTAVYYCATIDTASAFDIWGQGTMVTVSSGGCG
GHHHHHH
;
H
2 'polypeptide(L)'
;QSVLTQPPSVSAAPGQKVTISCSGSSSNIGNNYVSWYQQLPGTAPKLLIYDNNKRPSGIPDRFSGSKSGTSATLGITGLQ
TGDEADYYCGTWDSSLSAVVFGGGTKLTVLGGGSGGGGEVQLVESGGGLVQPGGSLRLSCAASGFTFNTYAMNWVRQAPG
KGLEWVARIRSKYNNYATYYADSVKDRFTISRDDSKNSLYLQMNSLKTEDTAVYYCVRHGNFGNSYVSWFAYWGQGTLVT
VSSGGCGGDYKDDDDK
;
L
#
# COMPACT_ATOMS: atom_id res chain seq x y z
N GLN A 1 -16.54 0.67 24.42
CA GLN A 1 -15.54 0.09 23.52
C GLN A 1 -14.10 0.38 24.01
N ALA A 2 -13.24 -0.63 24.06
CA ALA A 2 -11.85 -0.43 24.49
C ALA A 2 -11.04 0.35 23.43
N VAL A 3 -10.06 1.14 23.90
CA VAL A 3 -9.21 1.95 23.04
C VAL A 3 -7.75 1.53 23.30
N VAL A 4 -7.02 1.22 22.23
CA VAL A 4 -5.61 0.82 22.30
C VAL A 4 -4.79 2.01 21.79
N THR A 5 -3.82 2.46 22.60
CA THR A 5 -3.03 3.64 22.24
C THR A 5 -1.54 3.36 22.12
N GLN A 6 -0.93 3.93 21.08
CA GLN A 6 0.51 3.79 20.78
C GLN A 6 1.12 5.14 20.52
N GLU A 7 2.46 5.28 20.66
CA GLU A 7 3.18 6.52 20.31
C GLU A 7 2.91 6.77 18.83
N PRO A 8 2.52 7.98 18.38
CA PRO A 8 2.26 8.17 16.94
C PRO A 8 3.52 7.99 16.06
N SER A 9 4.69 8.42 16.56
CA SER A 9 5.94 8.31 15.78
C SER A 9 7.15 8.27 16.70
N LEU A 10 8.19 7.54 16.27
CA LEU A 10 9.47 7.46 16.98
C LEU A 10 10.55 7.44 15.90
N THR A 11 11.76 7.81 16.31
CA THR A 11 12.93 7.82 15.45
C THR A 11 14.05 7.04 16.18
N VAL A 12 14.84 6.27 15.45
CA VAL A 12 15.97 5.53 16.01
C VAL A 12 17.15 5.57 15.02
N SER A 13 18.37 5.65 15.51
CA SER A 13 19.55 5.62 14.65
C SER A 13 19.90 4.16 14.42
N PRO A 14 20.45 3.81 13.23
CA PRO A 14 20.89 2.41 13.03
C PRO A 14 21.81 1.95 14.17
N GLY A 15 21.62 0.71 14.63
CA GLY A 15 22.37 0.14 15.74
C GLY A 15 21.77 0.45 17.12
N GLY A 16 20.81 1.34 17.17
CA GLY A 16 20.19 1.74 18.44
C GLY A 16 19.12 0.78 18.93
N THR A 17 18.70 0.98 20.18
CA THR A 17 17.60 0.26 20.80
C THR A 17 16.40 1.20 20.85
N VAL A 18 15.23 0.68 20.44
CA VAL A 18 13.98 1.43 20.50
C VAL A 18 12.92 0.53 21.14
N THR A 19 12.13 1.13 22.03
CA THR A 19 11.05 0.40 22.70
C THR A 19 9.75 1.07 22.32
N LEU A 20 8.83 0.31 21.68
CA LEU A 20 7.48 0.76 21.31
C LEU A 20 6.52 0.22 22.36
N THR A 21 5.54 1.01 22.76
CA THR A 21 4.60 0.52 23.76
C THR A 21 3.17 0.60 23.28
N CYS A 22 2.33 -0.18 23.93
CA CYS A 22 0.94 -0.37 23.56
C CYS A 22 0.10 -0.41 24.83
N ARG A 23 -0.69 0.64 25.05
CA ARG A 23 -1.52 0.83 26.24
C ARG A 23 -3.00 0.46 25.98
N SER A 24 -3.64 -0.19 26.95
CA SER A 24 -5.06 -0.55 26.99
C SER A 24 -5.82 0.50 27.84
N SER A 25 -7.01 0.96 27.38
CA SER A 25 -7.84 1.93 28.14
C SER A 25 -8.53 1.27 29.36
N THR A 26 -8.59 -0.08 29.40
CA THR A 26 -9.27 -0.85 30.46
C THR A 26 -8.43 -1.05 31.74
N GLY A 27 -7.12 -0.91 31.60
CA GLY A 27 -6.17 -1.14 32.69
C GLY A 27 -4.89 -1.72 32.15
N ALA A 28 -4.15 -2.46 32.98
CA ALA A 28 -2.88 -3.08 32.63
C ALA A 28 -3.07 -4.09 31.49
N VAL A 29 -2.12 -4.13 30.55
CA VAL A 29 -2.17 -5.12 29.47
C VAL A 29 -1.69 -6.41 30.12
N THR A 30 -2.44 -7.49 29.95
CA THR A 30 -2.08 -8.79 30.54
C THR A 30 -1.80 -9.82 29.46
N THR A 31 -1.29 -11.01 29.85
CA THR A 31 -1.02 -12.08 28.87
C THR A 31 -2.33 -12.57 28.21
N SER A 32 -3.48 -12.31 28.88
CA SER A 32 -4.81 -12.64 28.38
C SER A 32 -5.27 -11.68 27.24
N ASN A 33 -4.50 -10.61 26.95
CA ASN A 33 -4.76 -9.74 25.81
C ASN A 33 -4.00 -10.26 24.59
N TYR A 34 -3.15 -11.31 24.78
CA TYR A 34 -2.33 -11.97 23.72
C TYR A 34 -1.78 -10.97 22.71
N ALA A 35 -1.13 -9.92 23.22
CA ALA A 35 -0.62 -8.82 22.38
C ALA A 35 0.07 -9.27 21.08
N ASN A 36 -0.39 -8.73 19.95
CA ASN A 36 0.17 -8.99 18.63
C ASN A 36 0.76 -7.70 18.12
N TRP A 37 1.85 -7.81 17.34
CA TRP A 37 2.51 -6.69 16.68
C TRP A 37 2.55 -7.00 15.21
N VAL A 38 2.11 -6.06 14.40
CA VAL A 38 2.06 -6.21 12.95
C VAL A 38 2.94 -5.10 12.38
N GLN A 39 3.79 -5.47 11.41
CA GLN A 39 4.70 -4.55 10.77
C GLN A 39 4.24 -4.20 9.35
N GLN A 40 4.29 -2.93 9.00
CA GLN A 40 3.94 -2.43 7.66
C GLN A 40 5.04 -1.51 7.15
N LYS A 41 5.91 -2.07 6.32
CA LYS A 41 7.03 -1.32 5.73
C LYS A 41 6.51 -0.32 4.70
N PRO A 42 7.26 0.78 4.39
CA PRO A 42 6.76 1.78 3.45
C PRO A 42 6.32 1.22 2.09
N GLY A 43 5.07 1.51 1.72
CA GLY A 43 4.46 1.05 0.47
C GLY A 43 4.09 -0.43 0.40
N GLN A 44 4.22 -1.16 1.52
CA GLN A 44 3.95 -2.61 1.57
C GLN A 44 2.66 -2.95 2.26
N ALA A 45 2.26 -4.20 2.12
CA ALA A 45 1.13 -4.81 2.82
C ALA A 45 1.67 -5.15 4.22
N PRO A 46 0.81 -5.13 5.26
CA PRO A 46 1.30 -5.48 6.61
C PRO A 46 1.69 -6.97 6.70
N ARG A 47 2.46 -7.33 7.73
CA ARG A 47 2.75 -8.72 8.06
C ARG A 47 2.88 -8.88 9.55
N GLY A 48 2.34 -9.99 10.07
CA GLY A 48 2.40 -10.28 11.50
C GLY A 48 3.84 -10.51 11.91
N LEU A 49 4.22 -10.00 13.08
CA LEU A 49 5.61 -10.10 13.56
C LEU A 49 5.69 -10.81 14.90
N ILE A 50 4.81 -10.45 15.83
CA ILE A 50 4.73 -11.01 17.18
C ILE A 50 3.30 -11.34 17.50
N GLY A 51 3.09 -12.44 18.21
CA GLY A 51 1.77 -12.85 18.65
C GLY A 51 1.87 -13.37 20.07
N GLY A 52 0.76 -13.39 20.80
CA GLY A 52 0.73 -13.91 22.17
C GLY A 52 1.79 -13.29 23.07
N THR A 53 1.92 -11.96 22.99
CA THR A 53 2.88 -11.12 23.74
C THR A 53 4.31 -11.21 23.24
N ASN A 54 4.88 -12.43 23.15
CA ASN A 54 6.31 -12.61 22.87
C ASN A 54 6.68 -13.68 21.82
N LYS A 55 5.68 -14.28 21.14
CA LYS A 55 5.96 -15.33 20.15
C LYS A 55 6.31 -14.74 18.77
N ARG A 56 7.44 -15.11 18.22
CA ARG A 56 7.92 -14.59 16.94
C ARG A 56 7.30 -15.34 15.80
N ALA A 57 7.02 -14.61 14.70
CA ALA A 57 6.61 -15.21 13.43
C ALA A 57 7.89 -15.91 12.88
N PRO A 58 7.77 -16.92 11.98
CA PRO A 58 9.00 -17.56 11.46
C PRO A 58 10.00 -16.60 10.81
N TRP A 59 9.51 -15.54 10.16
CA TRP A 59 10.34 -14.55 9.47
C TRP A 59 10.80 -13.38 10.37
N THR A 60 10.41 -13.35 11.66
CA THR A 60 10.78 -12.23 12.54
C THR A 60 12.23 -12.35 13.01
N PRO A 61 13.07 -11.33 12.72
CA PRO A 61 14.48 -11.37 13.18
C PRO A 61 14.60 -11.44 14.70
N ALA A 62 15.69 -12.07 15.19
CA ALA A 62 15.97 -12.26 16.63
C ALA A 62 16.06 -10.91 17.38
N ARG A 63 16.43 -9.84 16.68
CA ARG A 63 16.55 -8.49 17.24
C ARG A 63 15.22 -7.87 17.72
N PHE A 64 14.07 -8.45 17.31
CA PHE A 64 12.73 -8.02 17.75
C PHE A 64 12.32 -8.92 18.91
N SER A 65 11.78 -8.33 19.98
CA SER A 65 11.22 -9.09 21.09
C SER A 65 10.02 -8.41 21.69
N GLY A 66 8.99 -9.20 21.96
CA GLY A 66 7.76 -8.72 22.58
C GLY A 66 7.74 -9.04 24.07
N SER A 67 7.12 -8.17 24.88
CA SER A 67 7.04 -8.38 26.33
C SER A 67 5.96 -7.50 26.93
N LEU A 68 5.80 -7.57 28.26
CA LEU A 68 4.94 -6.69 29.04
C LEU A 68 5.86 -5.89 29.95
N LEU A 69 5.65 -4.58 30.03
CA LEU A 69 6.45 -3.69 30.88
C LEU A 69 5.56 -2.59 31.41
N GLY A 70 5.46 -2.51 32.73
CA GLY A 70 4.69 -1.48 33.43
C GLY A 70 3.26 -1.31 32.96
N GLY A 71 2.55 -2.41 32.84
CA GLY A 71 1.14 -2.37 32.44
C GLY A 71 0.86 -2.18 30.97
N LYS A 72 1.91 -2.20 30.11
CA LYS A 72 1.73 -2.02 28.65
C LYS A 72 2.40 -3.16 27.91
N ALA A 73 2.01 -3.41 26.63
CA ALA A 73 2.73 -4.35 25.78
C ALA A 73 3.89 -3.55 25.22
N ALA A 74 5.03 -4.19 25.01
CA ALA A 74 6.22 -3.53 24.48
C ALA A 74 6.88 -4.32 23.35
N LEU A 75 7.31 -3.61 22.30
CA LEU A 75 8.06 -4.24 21.21
C LEU A 75 9.42 -3.58 21.24
N THR A 76 10.46 -4.38 21.44
CA THR A 76 11.84 -3.86 21.50
C THR A 76 12.62 -4.28 20.26
N ILE A 77 13.28 -3.30 19.64
CA ILE A 77 14.17 -3.54 18.50
C ILE A 77 15.57 -3.20 19.00
N THR A 78 16.42 -4.21 19.13
CA THR A 78 17.80 -4.09 19.64
C THR A 78 18.73 -4.11 18.42
N GLY A 79 19.38 -2.99 18.15
CA GLY A 79 20.26 -2.86 16.99
C GLY A 79 19.47 -2.64 15.73
N ALA A 80 18.66 -1.56 15.72
CA ALA A 80 17.82 -1.20 14.59
C ALA A 80 18.57 -1.11 13.25
N GLN A 81 17.94 -1.63 12.20
CA GLN A 81 18.52 -1.56 10.84
C GLN A 81 17.58 -0.71 10.00
N ALA A 82 18.07 -0.17 8.86
CA ALA A 82 17.25 0.61 7.92
C ALA A 82 15.98 -0.19 7.48
N GLU A 83 16.09 -1.54 7.36
CA GLU A 83 15.03 -2.53 7.03
C GLU A 83 13.83 -2.44 8.04
N ASP A 84 14.09 -2.04 9.29
CA ASP A 84 13.10 -1.93 10.36
C ASP A 84 12.21 -0.68 10.30
N GLU A 85 12.48 0.23 9.38
CA GLU A 85 11.63 1.41 9.20
C GLU A 85 10.24 0.92 8.73
N ALA A 86 9.18 1.24 9.50
CA ALA A 86 7.83 0.75 9.23
C ALA A 86 6.84 1.37 10.18
N ASP A 87 5.54 1.10 9.91
CA ASP A 87 4.48 1.45 10.81
C ASP A 87 4.22 0.16 11.59
N TYR A 88 4.29 0.22 12.91
CA TYR A 88 4.06 -0.93 13.78
C TYR A 88 2.73 -0.86 14.48
N TYR A 89 1.84 -1.84 14.20
CA TYR A 89 0.52 -1.85 14.85
C TYR A 89 0.43 -2.89 15.92
N CYS A 90 -0.11 -2.53 17.05
CA CYS A 90 -0.33 -3.52 18.06
C CYS A 90 -1.83 -3.82 18.11
N ALA A 91 -2.18 -5.05 18.48
CA ALA A 91 -3.58 -5.50 18.60
C ALA A 91 -3.71 -6.28 19.89
N LEU A 92 -4.77 -5.97 20.66
CA LEU A 92 -5.06 -6.62 21.92
C LEU A 92 -6.39 -7.33 21.83
N TRP A 93 -6.45 -8.51 22.44
CA TRP A 93 -7.65 -9.34 22.47
C TRP A 93 -8.50 -8.96 23.68
N TYR A 94 -9.74 -8.53 23.43
CA TYR A 94 -10.70 -8.20 24.50
C TYR A 94 -11.91 -9.13 24.40
N SER A 95 -11.81 -10.31 25.01
CA SER A 95 -12.83 -11.36 25.10
C SER A 95 -13.27 -12.07 23.82
N ASN A 96 -13.75 -11.33 22.82
CA ASN A 96 -14.25 -11.88 21.54
C ASN A 96 -13.83 -11.01 20.35
N LEU A 97 -12.86 -10.09 20.55
CA LEU A 97 -12.47 -9.13 19.51
C LEU A 97 -11.03 -8.60 19.68
N TRP A 98 -10.36 -8.38 18.54
CA TRP A 98 -9.05 -7.74 18.44
C TRP A 98 -9.31 -6.26 18.21
N VAL A 99 -8.71 -5.43 19.06
CA VAL A 99 -8.73 -3.98 18.91
C VAL A 99 -7.29 -3.56 18.58
N PHE A 100 -7.10 -2.83 17.47
CA PHE A 100 -5.78 -2.34 17.09
C PHE A 100 -5.55 -0.94 17.64
N GLY A 101 -4.28 -0.62 17.91
CA GLY A 101 -3.85 0.72 18.22
C GLY A 101 -3.73 1.51 16.93
N GLY A 102 -3.42 2.80 17.03
CA GLY A 102 -3.27 3.69 15.85
C GLY A 102 -1.98 3.53 15.07
N GLY A 103 -1.07 2.72 15.59
CA GLY A 103 0.22 2.43 14.99
C GLY A 103 1.32 3.40 15.41
N THR A 104 2.57 2.93 15.41
CA THR A 104 3.75 3.78 15.66
C THR A 104 4.56 3.81 14.38
N LYS A 105 4.74 5.00 13.83
CA LYS A 105 5.57 5.17 12.62
C LYS A 105 7.02 5.26 13.05
N LEU A 106 7.79 4.21 12.79
CA LEU A 106 9.18 4.21 13.17
C LEU A 106 10.10 4.59 12.03
N THR A 107 10.82 5.69 12.19
CA THR A 107 11.80 6.12 11.21
C THR A 107 13.18 5.65 11.68
N VAL A 108 13.96 5.08 10.75
CA VAL A 108 15.34 4.71 11.05
C VAL A 108 16.18 5.76 10.32
N LEU A 109 16.88 6.62 11.10
CA LEU A 109 17.73 7.70 10.54
C LEU A 109 18.72 7.21 9.47
N GLY A 110 18.76 7.91 8.34
CA GLY A 110 19.61 7.58 7.20
C GLY A 110 20.84 8.44 7.05
N GLY A 117 14.14 10.06 3.45
CA GLY A 117 13.53 8.74 3.29
C GLY A 117 12.97 8.15 4.57
N GLY A 118 12.24 8.97 5.34
CA GLY A 118 11.60 8.57 6.60
C GLY A 118 10.28 7.84 6.43
N GLU A 119 9.68 7.41 7.56
CA GLU A 119 8.40 6.68 7.57
C GLU A 119 7.20 7.65 7.51
N VAL A 120 6.42 7.61 6.41
CA VAL A 120 5.19 8.41 6.23
C VAL A 120 4.09 7.65 5.52
N GLN A 121 2.84 8.10 5.70
CA GLN A 121 1.64 7.66 4.99
C GLN A 121 1.13 8.94 4.27
N LEU A 122 0.75 8.84 2.98
CA LEU A 122 0.20 10.00 2.25
C LEU A 122 -1.30 9.85 2.10
N VAL A 123 -2.07 10.87 2.52
CA VAL A 123 -3.52 10.82 2.41
C VAL A 123 -3.99 11.92 1.49
N GLN A 124 -4.67 11.52 0.42
CA GLN A 124 -5.19 12.41 -0.59
C GLN A 124 -6.65 12.73 -0.34
N SER A 125 -7.13 13.86 -0.89
CA SER A 125 -8.52 14.28 -0.77
C SER A 125 -9.40 13.37 -1.63
N GLY A 126 -10.71 13.47 -1.41
CA GLY A 126 -11.70 12.65 -2.10
C GLY A 126 -11.90 12.92 -3.58
N ALA A 127 -12.65 12.01 -4.21
CA ALA A 127 -12.99 12.02 -5.63
C ALA A 127 -13.74 13.29 -6.02
N GLU A 128 -13.52 13.76 -7.28
CA GLU A 128 -14.14 15.00 -7.76
C GLU A 128 -14.79 14.86 -9.12
N VAL A 129 -15.96 15.49 -9.27
CA VAL A 129 -16.71 15.53 -10.53
C VAL A 129 -16.71 17.00 -10.96
N LYS A 130 -16.19 17.25 -12.18
CA LYS A 130 -16.01 18.60 -12.74
C LYS A 130 -16.51 18.76 -14.15
N LYS A 131 -16.96 19.97 -14.48
CA LYS A 131 -17.42 20.32 -15.83
C LYS A 131 -16.22 20.82 -16.65
N PRO A 132 -16.22 20.72 -17.99
CA PRO A 132 -15.10 21.30 -18.77
C PRO A 132 -14.97 22.80 -18.50
N GLY A 133 -13.73 23.25 -18.36
CA GLY A 133 -13.41 24.64 -18.06
C GLY A 133 -13.17 24.90 -16.60
N ALA A 134 -13.60 23.98 -15.70
CA ALA A 134 -13.42 24.19 -14.27
C ALA A 134 -11.97 23.88 -13.84
N SER A 135 -11.67 24.16 -12.59
CA SER A 135 -10.40 23.90 -11.95
C SER A 135 -10.64 22.81 -10.90
N VAL A 136 -9.58 22.09 -10.51
CA VAL A 136 -9.60 21.13 -9.42
C VAL A 136 -8.34 21.31 -8.55
N LYS A 137 -8.50 21.27 -7.22
CA LYS A 137 -7.37 21.33 -6.29
C LYS A 137 -7.33 20.07 -5.45
N VAL A 138 -6.28 19.24 -5.66
CA VAL A 138 -6.08 17.98 -4.92
C VAL A 138 -5.08 18.17 -3.79
N SER A 139 -5.42 17.67 -2.60
CA SER A 139 -4.54 17.74 -1.44
C SER A 139 -3.87 16.39 -1.13
N CYS A 140 -2.69 16.45 -0.53
CA CYS A 140 -1.88 15.30 -0.18
C CYS A 140 -1.19 15.57 1.16
N LYS A 141 -1.75 15.03 2.23
CA LYS A 141 -1.21 15.21 3.57
C LYS A 141 -0.30 14.06 4.00
N ALA A 142 0.90 14.42 4.48
CA ALA A 142 1.89 13.49 4.99
C ALA A 142 1.82 13.41 6.51
N SER A 143 1.75 12.19 7.07
CA SER A 143 1.81 11.96 8.52
C SER A 143 2.93 11.01 8.82
N GLY A 144 3.79 11.41 9.76
CA GLY A 144 4.98 10.66 10.18
C GLY A 144 6.21 11.53 10.31
N TYR A 145 7.31 11.11 9.69
CA TYR A 145 8.58 11.86 9.72
C TYR A 145 8.47 13.26 9.09
N THR A 146 9.26 14.23 9.63
CA THR A 146 9.30 15.67 9.25
C THR A 146 9.09 15.91 7.75
N PHE A 147 7.98 16.60 7.44
CA PHE A 147 7.50 16.95 6.10
C PHE A 147 8.52 17.62 5.17
N THR A 148 9.29 18.60 5.71
CA THR A 148 10.29 19.38 4.95
C THR A 148 11.45 18.54 4.42
N SER A 149 11.62 17.30 4.94
CA SER A 149 12.65 16.39 4.45
C SER A 149 12.25 15.79 3.08
N TYR A 150 10.98 16.01 2.66
CA TYR A 150 10.42 15.44 1.42
C TYR A 150 10.33 16.30 0.17
N GLY A 151 10.38 15.61 -0.97
CA GLY A 151 10.10 16.07 -2.31
C GLY A 151 8.79 15.37 -2.67
N ILE A 152 7.82 16.07 -3.28
CA ILE A 152 6.54 15.46 -3.64
C ILE A 152 6.36 15.54 -5.17
N SER A 153 6.03 14.41 -5.82
CA SER A 153 5.76 14.33 -7.26
C SER A 153 4.31 13.94 -7.50
N TRP A 154 3.75 14.41 -8.62
CA TRP A 154 2.37 14.14 -9.02
C TRP A 154 2.36 13.35 -10.31
N VAL A 155 1.63 12.22 -10.31
CA VAL A 155 1.55 11.31 -11.46
C VAL A 155 0.08 11.00 -11.69
N ARG A 156 -0.35 11.06 -12.95
CA ARG A 156 -1.75 10.73 -13.26
C ARG A 156 -1.88 9.54 -14.20
N GLN A 157 -3.06 8.94 -14.20
CA GLN A 157 -3.37 7.77 -15.00
C GLN A 157 -4.82 7.77 -15.40
N ALA A 158 -5.07 7.95 -16.71
CA ALA A 158 -6.39 7.94 -17.29
C ALA A 158 -6.91 6.49 -17.28
N PRO A 159 -8.26 6.26 -17.25
CA PRO A 159 -8.75 4.86 -17.16
C PRO A 159 -8.22 3.94 -18.24
N GLY A 160 -7.63 2.82 -17.81
CA GLY A 160 -7.05 1.81 -18.69
C GLY A 160 -5.80 2.24 -19.42
N GLN A 161 -5.16 3.35 -18.98
CA GLN A 161 -3.97 3.89 -19.64
C GLN A 161 -2.72 3.84 -18.74
N GLY A 162 -1.60 4.33 -19.27
CA GLY A 162 -0.34 4.33 -18.54
C GLY A 162 -0.15 5.47 -17.55
N LEU A 163 0.99 5.47 -16.86
CA LEU A 163 1.34 6.51 -15.90
C LEU A 163 1.90 7.73 -16.63
N GLU A 164 1.57 8.93 -16.14
CA GLU A 164 2.05 10.19 -16.72
C GLU A 164 2.52 11.13 -15.61
N TRP A 165 3.80 11.53 -15.69
CA TRP A 165 4.37 12.47 -14.74
C TRP A 165 3.82 13.87 -15.00
N MET A 166 3.47 14.57 -13.93
CA MET A 166 2.88 15.92 -14.03
C MET A 166 3.87 16.97 -13.60
N GLY A 167 4.75 16.59 -12.70
CA GLY A 167 5.76 17.47 -12.13
C GLY A 167 6.02 17.16 -10.68
N TRP A 168 6.84 17.99 -10.04
CA TRP A 168 7.21 17.83 -8.64
C TRP A 168 7.61 19.13 -7.96
N ILE A 169 7.70 19.12 -6.63
CA ILE A 169 8.05 20.23 -5.77
C ILE A 169 8.88 19.78 -4.53
N SER A 170 9.76 20.69 -4.02
CA SER A 170 10.48 20.46 -2.76
C SER A 170 9.62 20.98 -1.59
N ALA A 171 9.45 20.16 -0.51
CA ALA A 171 8.72 20.63 0.68
C ALA A 171 9.66 21.49 1.57
N TYR A 172 10.98 21.52 1.25
CA TYR A 172 11.96 22.32 1.98
C TYR A 172 11.98 23.78 1.52
N ASN A 173 12.05 24.02 0.19
CA ASN A 173 12.11 25.38 -0.37
C ASN A 173 10.97 25.82 -1.32
N GLY A 174 10.10 24.90 -1.74
CA GLY A 174 8.97 25.19 -2.61
C GLY A 174 9.23 25.33 -4.10
N ASN A 175 10.44 24.96 -4.57
CA ASN A 175 10.74 25.02 -6.00
C ASN A 175 10.03 23.90 -6.77
N THR A 176 9.59 24.19 -8.02
CA THR A 176 8.82 23.25 -8.85
C THR A 176 9.43 23.00 -10.23
N ASN A 177 8.99 21.93 -10.87
CA ASN A 177 9.28 21.55 -12.26
C ASN A 177 8.01 20.90 -12.73
N TYR A 178 7.47 21.38 -13.85
CA TYR A 178 6.23 20.84 -14.40
C TYR A 178 6.48 20.19 -15.71
N ALA A 179 5.63 19.19 -16.05
CA ALA A 179 5.66 18.53 -17.34
C ALA A 179 5.27 19.60 -18.38
N GLN A 180 5.97 19.61 -19.53
CA GLN A 180 5.82 20.55 -20.66
C GLN A 180 4.36 20.74 -21.10
N LYS A 181 3.62 19.63 -21.27
CA LYS A 181 2.20 19.55 -21.67
C LYS A 181 1.26 20.34 -20.74
N LEU A 182 1.61 20.47 -19.45
CA LEU A 182 0.78 21.10 -18.41
C LEU A 182 1.24 22.47 -17.95
N GLN A 183 2.45 22.90 -18.35
CA GLN A 183 3.02 24.21 -17.99
C GLN A 183 1.99 25.33 -18.29
N GLY A 184 1.69 26.14 -17.28
CA GLY A 184 0.72 27.22 -17.39
C GLY A 184 -0.70 26.86 -16.94
N ARG A 185 -1.01 25.54 -16.77
CA ARG A 185 -2.32 24.99 -16.36
C ARG A 185 -2.27 24.38 -14.95
N VAL A 186 -1.06 23.95 -14.54
CA VAL A 186 -0.82 23.27 -13.28
C VAL A 186 -0.04 24.12 -12.28
N THR A 187 -0.37 24.00 -11.00
CA THR A 187 0.31 24.68 -9.91
C THR A 187 0.46 23.70 -8.75
N MET A 188 1.69 23.56 -8.28
CA MET A 188 2.01 22.71 -7.14
C MET A 188 2.50 23.60 -6.02
N THR A 189 1.97 23.39 -4.81
CA THR A 189 2.32 24.14 -3.61
C THR A 189 2.38 23.20 -2.41
N THR A 190 3.00 23.64 -1.32
CA THR A 190 3.03 22.91 -0.05
C THR A 190 2.72 23.87 1.10
N ASP A 191 2.23 23.32 2.20
CA ASP A 191 1.95 24.05 3.42
C ASP A 191 2.68 23.33 4.55
N THR A 192 3.79 23.93 5.02
CA THR A 192 4.66 23.43 6.10
C THR A 192 3.90 23.17 7.39
N SER A 193 3.08 24.14 7.81
CA SER A 193 2.27 24.07 9.03
C SER A 193 1.36 22.83 9.07
N THR A 194 0.80 22.43 7.92
CA THR A 194 -0.11 21.28 7.84
C THR A 194 0.47 20.03 7.17
N SER A 195 1.77 20.03 6.79
CA SER A 195 2.44 18.91 6.10
C SER A 195 1.62 18.44 4.88
N THR A 196 1.08 19.41 4.12
CA THR A 196 0.20 19.14 2.98
C THR A 196 0.76 19.75 1.71
N ALA A 197 0.77 18.94 0.63
CA ALA A 197 1.16 19.32 -0.72
C ALA A 197 -0.14 19.48 -1.50
N TYR A 198 -0.16 20.44 -2.45
CA TYR A 198 -1.36 20.71 -3.25
C TYR A 198 -1.07 20.70 -4.74
N MET A 199 -2.02 20.23 -5.51
CA MET A 199 -1.91 20.21 -6.96
C MET A 199 -3.20 20.79 -7.50
N GLU A 200 -3.08 21.88 -8.26
CA GLU A 200 -4.23 22.52 -8.92
C GLU A 200 -4.10 22.39 -10.41
N LEU A 201 -5.14 21.90 -11.07
CA LEU A 201 -5.14 21.76 -12.50
C LEU A 201 -6.35 22.55 -12.98
N ARG A 202 -6.09 23.54 -13.85
CA ARG A 202 -7.08 24.47 -14.40
C ARG A 202 -7.49 24.10 -15.81
N SER A 203 -8.54 24.80 -16.35
CA SER A 203 -9.05 24.62 -17.72
C SER A 203 -9.30 23.14 -18.04
N LEU A 204 -9.99 22.44 -17.12
CA LEU A 204 -10.23 21.00 -17.27
C LEU A 204 -10.96 20.64 -18.53
N ARG A 205 -10.53 19.58 -19.19
CA ARG A 205 -11.17 19.06 -20.40
C ARG A 205 -11.38 17.54 -20.19
N SER A 206 -12.17 16.89 -21.05
CA SER A 206 -12.50 15.46 -20.99
C SER A 206 -11.30 14.54 -20.70
N ASP A 207 -10.19 14.75 -21.42
CA ASP A 207 -8.99 13.95 -21.26
C ASP A 207 -8.22 14.14 -19.96
N ASP A 208 -8.72 14.99 -19.06
CA ASP A 208 -8.13 15.14 -17.74
C ASP A 208 -8.70 14.11 -16.75
N THR A 209 -9.72 13.33 -17.20
CA THR A 209 -10.37 12.27 -16.42
C THR A 209 -9.29 11.25 -16.13
N ALA A 210 -8.91 11.11 -14.85
CA ALA A 210 -7.83 10.23 -14.43
C ALA A 210 -7.80 10.07 -12.92
N VAL A 211 -6.95 9.16 -12.46
CA VAL A 211 -6.64 9.05 -11.05
C VAL A 211 -5.34 9.86 -10.93
N TYR A 212 -5.31 10.77 -9.95
CA TYR A 212 -4.17 11.65 -9.66
C TYR A 212 -3.49 11.13 -8.41
N TYR A 213 -2.17 10.85 -8.48
CA TYR A 213 -1.42 10.35 -7.33
C TYR A 213 -0.32 11.33 -6.94
N CYS A 214 -0.02 11.38 -5.66
CA CYS A 214 1.12 12.13 -5.21
C CYS A 214 2.05 11.06 -4.66
N ALA A 215 3.35 11.34 -4.66
CA ALA A 215 4.31 10.38 -4.16
C ALA A 215 5.55 11.10 -3.68
N THR A 216 6.23 10.55 -2.71
CA THR A 216 7.50 11.06 -2.28
C THR A 216 8.57 10.72 -3.31
N ILE A 217 9.63 11.51 -3.32
CA ILE A 217 10.76 11.35 -4.22
C ILE A 217 12.04 10.93 -3.55
N ASP A 218 12.71 9.99 -4.17
CA ASP A 218 13.96 9.41 -3.75
C ASP A 218 15.17 10.24 -4.02
N THR A 219 16.26 9.83 -3.39
CA THR A 219 17.57 10.41 -3.59
C THR A 219 17.84 10.14 -5.04
N ALA A 220 17.24 9.06 -5.52
CA ALA A 220 17.31 8.62 -6.91
C ALA A 220 16.20 8.97 -7.86
N SER A 221 15.28 9.88 -7.52
CA SER A 221 14.15 10.18 -8.41
C SER A 221 13.23 9.00 -8.73
N ALA A 222 12.98 8.17 -7.73
CA ALA A 222 12.10 7.04 -7.76
C ALA A 222 11.07 7.41 -6.70
N PHE A 223 9.85 6.94 -6.83
CA PHE A 223 8.81 7.29 -5.89
C PHE A 223 8.48 6.09 -4.99
N ASP A 224 8.99 6.12 -3.76
CA ASP A 224 8.76 5.07 -2.79
C ASP A 224 7.41 5.00 -2.09
N ILE A 225 6.89 6.13 -1.67
CA ILE A 225 5.61 6.21 -0.96
C ILE A 225 4.59 6.92 -1.81
N TRP A 226 3.42 6.30 -2.01
CA TRP A 226 2.35 6.87 -2.82
C TRP A 226 1.10 7.11 -2.00
N GLY A 227 0.34 8.13 -2.42
CA GLY A 227 -0.99 8.40 -1.87
C GLY A 227 -1.95 7.39 -2.49
N GLN A 228 -3.18 7.27 -1.94
CA GLN A 228 -4.15 6.29 -2.44
C GLN A 228 -4.71 6.64 -3.81
N GLY A 229 -4.46 7.89 -4.25
CA GLY A 229 -4.99 8.37 -5.52
C GLY A 229 -6.30 9.11 -5.31
N THR A 230 -6.61 10.03 -6.26
CA THR A 230 -7.83 10.84 -6.26
C THR A 230 -8.38 10.80 -7.66
N MET A 231 -9.58 10.24 -7.81
CA MET A 231 -10.22 10.22 -9.12
C MET A 231 -10.80 11.60 -9.45
N VAL A 232 -10.51 12.11 -10.66
CA VAL A 232 -11.11 13.35 -11.14
C VAL A 232 -11.87 13.01 -12.42
N THR A 233 -13.18 13.24 -12.41
CA THR A 233 -13.99 12.95 -13.59
C THR A 233 -14.43 14.26 -14.21
N VAL A 234 -14.05 14.49 -15.47
CA VAL A 234 -14.43 15.71 -16.20
C VAL A 234 -15.52 15.32 -17.18
N SER A 235 -16.73 15.82 -16.98
CA SER A 235 -17.84 15.49 -17.88
C SER A 235 -18.77 16.67 -18.14
N SER A 236 -19.34 16.72 -19.36
CA SER A 236 -20.29 17.73 -19.83
C SER A 236 -21.42 17.96 -18.83
N GLY A 237 -22.02 16.87 -18.33
CA GLY A 237 -23.09 16.89 -17.35
C GLY A 237 -22.69 17.40 -15.97
N GLY A 238 -21.50 17.00 -15.52
CA GLY A 238 -21.01 17.35 -14.19
C GLY A 238 -21.76 16.58 -13.12
N CYS A 239 -22.19 17.26 -12.04
CA CYS A 239 -22.93 16.68 -10.93
C CYS A 239 -24.37 16.27 -11.32
N SER B 2 4.33 6.47 -25.88
CA SER B 2 5.17 6.78 -24.71
C SER B 2 6.65 6.86 -25.08
N VAL B 3 7.45 7.57 -24.25
CA VAL B 3 8.89 7.80 -24.46
C VAL B 3 9.69 6.48 -24.36
N LEU B 4 9.37 5.66 -23.36
CA LEU B 4 10.01 4.35 -23.14
C LEU B 4 9.15 3.27 -23.75
N THR B 5 9.79 2.26 -24.38
CA THR B 5 9.06 1.21 -25.05
C THR B 5 9.13 -0.14 -24.33
N GLN B 6 7.96 -0.66 -23.98
CA GLN B 6 7.88 -1.98 -23.37
C GLN B 6 6.78 -2.79 -23.99
N PRO B 7 6.86 -4.14 -24.04
CA PRO B 7 5.77 -4.91 -24.65
C PRO B 7 4.47 -4.73 -23.86
N PRO B 8 3.31 -4.71 -24.54
CA PRO B 8 2.03 -4.48 -23.81
C PRO B 8 1.67 -5.57 -22.79
N SER B 9 2.07 -6.84 -23.07
CA SER B 9 1.71 -7.97 -22.21
C SER B 9 2.64 -9.15 -22.38
N VAL B 10 2.63 -10.04 -21.37
CA VAL B 10 3.41 -11.28 -21.36
C VAL B 10 2.73 -12.25 -20.40
N SER B 11 2.83 -13.55 -20.66
CA SER B 11 2.28 -14.58 -19.78
C SER B 11 3.41 -15.51 -19.37
N ALA B 12 3.30 -16.06 -18.16
CA ALA B 12 4.27 -17.01 -17.62
C ALA B 12 3.63 -17.88 -16.54
N ALA B 13 4.26 -19.03 -16.25
CA ALA B 13 3.72 -19.99 -15.30
C ALA B 13 4.31 -19.81 -13.90
N PRO B 14 3.54 -20.20 -12.83
CA PRO B 14 4.09 -20.13 -11.46
C PRO B 14 5.35 -20.99 -11.31
N GLY B 15 6.35 -20.43 -10.64
CA GLY B 15 7.64 -21.08 -10.43
C GLY B 15 8.64 -20.80 -11.52
N GLN B 16 8.17 -20.27 -12.66
CA GLN B 16 9.06 -19.93 -13.77
C GLN B 16 9.63 -18.53 -13.64
N LYS B 17 10.51 -18.17 -14.57
CA LYS B 17 11.12 -16.85 -14.64
C LYS B 17 10.54 -16.05 -15.80
N VAL B 18 10.22 -14.78 -15.55
CA VAL B 18 9.74 -13.86 -16.57
C VAL B 18 10.65 -12.61 -16.63
N THR B 19 10.88 -12.12 -17.84
CA THR B 19 11.66 -10.88 -18.03
C THR B 19 10.79 -9.90 -18.77
N ILE B 20 10.95 -8.61 -18.40
CA ILE B 20 10.24 -7.45 -18.96
C ILE B 20 11.27 -6.41 -19.34
N SER B 21 11.36 -6.11 -20.61
CA SER B 21 12.37 -5.16 -21.11
C SER B 21 11.80 -3.83 -21.51
N CYS B 22 12.60 -2.83 -21.32
CA CYS B 22 12.25 -1.46 -21.60
C CYS B 22 13.30 -0.81 -22.48
N SER B 23 12.88 -0.29 -23.64
CA SER B 23 13.80 0.36 -24.58
C SER B 23 13.68 1.90 -24.57
N GLY B 24 14.80 2.56 -24.46
CA GLY B 24 14.88 4.02 -24.47
C GLY B 24 15.94 4.56 -25.43
N SER B 25 16.58 5.65 -25.03
CA SER B 25 17.63 6.31 -25.79
C SER B 25 18.68 6.84 -24.83
N SER B 26 19.76 7.42 -25.39
CA SER B 26 20.88 8.00 -24.65
C SER B 26 20.44 9.07 -23.63
N SER B 27 19.48 9.92 -23.99
CA SER B 27 19.00 10.98 -23.10
C SER B 27 18.26 10.44 -21.86
N ASN B 28 17.61 9.26 -21.98
CA ASN B 28 16.91 8.70 -20.82
C ASN B 28 17.60 7.48 -20.18
N ILE B 29 17.26 6.22 -20.59
CA ILE B 29 17.85 5.00 -20.01
C ILE B 29 19.40 4.99 -20.13
N GLY B 30 19.90 5.38 -21.31
CA GLY B 30 21.32 5.43 -21.60
C GLY B 30 22.16 6.11 -20.54
N ASN B 31 21.70 7.29 -20.03
CA ASN B 31 22.44 8.06 -19.04
C ASN B 31 21.81 8.30 -17.69
N ASN B 32 20.63 7.69 -17.42
CA ASN B 32 19.96 7.86 -16.13
C ASN B 32 19.61 6.55 -15.42
N TYR B 33 19.41 6.62 -14.09
CA TYR B 33 19.01 5.51 -13.24
C TYR B 33 17.56 5.11 -13.56
N VAL B 34 17.32 3.79 -13.66
CA VAL B 34 16.00 3.27 -14.00
C VAL B 34 15.30 2.72 -12.75
N SER B 35 13.98 2.94 -12.68
CA SER B 35 13.10 2.43 -11.63
C SER B 35 12.02 1.55 -12.25
N TRP B 36 11.50 0.60 -11.48
CA TRP B 36 10.42 -0.29 -11.88
C TRP B 36 9.31 -0.23 -10.86
N TYR B 37 8.08 -0.21 -11.35
CA TYR B 37 6.89 -0.17 -10.50
C TYR B 37 5.95 -1.31 -10.81
N GLN B 38 5.32 -1.84 -9.78
CA GLN B 38 4.31 -2.87 -9.93
C GLN B 38 2.98 -2.21 -9.58
N GLN B 39 1.96 -2.49 -10.38
CA GLN B 39 0.64 -1.96 -10.15
C GLN B 39 -0.45 -3.01 -10.30
N LEU B 40 -1.20 -3.25 -9.20
CA LEU B 40 -2.38 -4.11 -9.16
C LEU B 40 -3.62 -3.29 -9.59
N PRO B 41 -4.72 -3.89 -10.12
CA PRO B 41 -5.89 -3.08 -10.54
C PRO B 41 -6.49 -2.15 -9.46
N GLY B 42 -6.82 -0.92 -9.86
CA GLY B 42 -7.39 0.15 -9.03
C GLY B 42 -6.53 0.68 -7.87
N THR B 43 -5.31 0.13 -7.71
CA THR B 43 -4.41 0.53 -6.62
C THR B 43 -3.15 1.25 -7.12
N ALA B 44 -2.46 1.96 -6.21
CA ALA B 44 -1.29 2.77 -6.52
C ALA B 44 -0.06 1.96 -6.95
N PRO B 45 0.79 2.50 -7.86
CA PRO B 45 2.06 1.83 -8.18
C PRO B 45 2.91 1.66 -6.91
N LYS B 46 3.71 0.62 -6.93
CA LYS B 46 4.56 0.22 -5.84
C LYS B 46 5.98 0.08 -6.41
N LEU B 47 6.94 0.78 -5.78
CA LEU B 47 8.33 0.75 -6.19
C LEU B 47 8.96 -0.64 -5.95
N LEU B 48 9.48 -1.26 -7.01
CA LEU B 48 10.13 -2.57 -6.92
C LEU B 48 11.63 -2.42 -6.97
N ILE B 49 12.10 -1.59 -7.90
CA ILE B 49 13.53 -1.42 -8.17
C ILE B 49 13.83 0.05 -8.33
N TYR B 50 14.93 0.52 -7.72
CA TYR B 50 15.44 1.88 -7.90
C TYR B 50 16.92 1.73 -8.20
N ASP B 51 17.54 2.76 -8.80
CA ASP B 51 18.97 2.77 -9.17
C ASP B 51 19.37 1.53 -9.97
N ASN B 52 18.52 1.21 -10.97
CA ASN B 52 18.66 0.10 -11.92
C ASN B 52 18.47 -1.30 -11.34
N ASN B 53 18.97 -1.55 -10.11
CA ASN B 53 18.99 -2.91 -9.56
C ASN B 53 18.78 -3.05 -8.03
N LYS B 54 18.47 -1.95 -7.34
CA LYS B 54 18.30 -1.99 -5.87
C LYS B 54 16.87 -2.23 -5.46
N ARG B 55 16.66 -3.09 -4.46
CA ARG B 55 15.30 -3.36 -3.98
C ARG B 55 15.02 -2.58 -2.69
N PRO B 56 13.89 -1.84 -2.58
CA PRO B 56 13.51 -1.29 -1.27
C PRO B 56 13.22 -2.46 -0.33
N SER B 57 13.38 -2.26 0.99
CA SER B 57 13.11 -3.35 1.95
C SER B 57 11.66 -3.81 1.82
N GLY B 58 11.47 -5.13 1.88
CA GLY B 58 10.13 -5.71 1.75
C GLY B 58 9.87 -6.28 0.37
N ILE B 59 10.62 -5.83 -0.65
CA ILE B 59 10.53 -6.36 -2.00
C ILE B 59 11.33 -7.67 -2.04
N PRO B 60 10.64 -8.79 -2.38
CA PRO B 60 11.33 -10.11 -2.43
C PRO B 60 12.52 -10.14 -3.37
N ASP B 61 13.53 -10.94 -3.00
CA ASP B 61 14.77 -11.13 -3.75
C ASP B 61 14.53 -11.72 -5.16
N ARG B 62 13.34 -12.23 -5.43
CA ARG B 62 13.02 -12.77 -6.75
C ARG B 62 12.80 -11.70 -7.81
N PHE B 63 12.67 -10.42 -7.38
CA PHE B 63 12.57 -9.27 -8.27
C PHE B 63 13.99 -8.77 -8.46
N SER B 64 14.41 -8.54 -9.72
CA SER B 64 15.74 -8.02 -9.98
C SER B 64 15.73 -7.10 -11.19
N GLY B 65 16.71 -6.23 -11.26
CA GLY B 65 16.79 -5.26 -12.34
C GLY B 65 18.18 -5.20 -12.92
N SER B 66 18.28 -4.85 -14.20
CA SER B 66 19.54 -4.67 -14.91
C SER B 66 19.35 -3.64 -16.01
N LYS B 67 20.44 -3.01 -16.40
CA LYS B 67 20.46 -2.01 -17.45
C LYS B 67 21.71 -2.23 -18.31
N SER B 68 21.53 -2.16 -19.63
CA SER B 68 22.62 -2.34 -20.57
C SER B 68 22.37 -1.37 -21.73
N GLY B 69 23.20 -0.33 -21.82
CA GLY B 69 23.08 0.71 -22.84
C GLY B 69 21.78 1.49 -22.72
N THR B 70 20.97 1.50 -23.78
CA THR B 70 19.69 2.22 -23.83
C THR B 70 18.46 1.33 -23.48
N SER B 71 18.69 0.15 -22.91
CA SER B 71 17.65 -0.79 -22.50
C SER B 71 17.78 -1.19 -21.03
N ALA B 72 16.63 -1.51 -20.41
CA ALA B 72 16.59 -1.96 -19.02
C ALA B 72 15.68 -3.18 -18.92
N THR B 73 15.98 -4.09 -17.96
CA THR B 73 15.19 -5.31 -17.81
C THR B 73 14.80 -5.58 -16.37
N LEU B 74 13.54 -5.96 -16.18
CA LEU B 74 13.01 -6.40 -14.91
C LEU B 74 12.94 -7.94 -14.96
N GLY B 75 13.55 -8.60 -13.99
CA GLY B 75 13.49 -10.04 -13.89
C GLY B 75 12.65 -10.49 -12.71
N ILE B 76 11.76 -11.48 -12.92
CA ILE B 76 10.96 -12.07 -11.84
C ILE B 76 11.17 -13.60 -11.86
N THR B 77 11.95 -14.13 -10.91
CA THR B 77 12.20 -15.59 -10.80
C THR B 77 11.22 -16.18 -9.78
N GLY B 78 10.95 -17.47 -9.91
CA GLY B 78 10.03 -18.17 -9.02
C GLY B 78 8.69 -17.47 -8.89
N LEU B 79 8.05 -17.21 -10.05
CA LEU B 79 6.76 -16.51 -10.17
C LEU B 79 5.69 -17.01 -9.21
N GLN B 80 4.99 -16.07 -8.62
CA GLN B 80 3.90 -16.38 -7.70
C GLN B 80 2.59 -15.85 -8.30
N THR B 81 1.44 -16.41 -7.90
CA THR B 81 0.13 -15.94 -8.39
C THR B 81 -0.07 -14.42 -8.16
N GLY B 82 0.42 -13.90 -7.02
CA GLY B 82 0.34 -12.48 -6.66
C GLY B 82 1.20 -11.52 -7.48
N ASP B 83 2.03 -12.05 -8.40
CA ASP B 83 2.87 -11.23 -9.28
C ASP B 83 2.10 -10.74 -10.52
N GLU B 84 0.88 -11.27 -10.74
CA GLU B 84 0.02 -10.85 -11.85
C GLU B 84 -0.31 -9.37 -11.59
N ALA B 85 0.22 -8.51 -12.47
CA ALA B 85 0.14 -7.04 -12.32
C ALA B 85 0.63 -6.37 -13.60
N ASP B 86 0.53 -5.04 -13.62
CA ASP B 86 1.07 -4.20 -14.69
C ASP B 86 2.39 -3.63 -14.17
N TYR B 87 3.46 -3.76 -14.98
CA TYR B 87 4.82 -3.31 -14.61
C TYR B 87 5.29 -2.15 -15.47
N TYR B 88 5.76 -1.08 -14.83
CA TYR B 88 6.21 0.12 -15.52
C TYR B 88 7.65 0.41 -15.24
N CYS B 89 8.40 0.80 -16.26
CA CYS B 89 9.76 1.28 -16.08
C CYS B 89 9.63 2.79 -16.08
N GLY B 90 10.50 3.45 -15.34
CA GLY B 90 10.52 4.89 -15.25
C GLY B 90 11.94 5.39 -15.12
N THR B 91 12.22 6.54 -15.73
CA THR B 91 13.54 7.19 -15.64
C THR B 91 13.46 8.69 -15.90
N TRP B 92 14.57 9.38 -15.66
CA TRP B 92 14.69 10.80 -15.94
C TRP B 92 15.17 10.94 -17.39
N ASP B 93 14.56 11.85 -18.13
CA ASP B 93 14.95 12.16 -19.49
C ASP B 93 15.64 13.53 -19.44
N SER B 94 16.95 13.54 -19.77
CA SER B 94 17.82 14.72 -19.78
C SER B 94 17.43 15.73 -20.87
N SER B 95 17.10 15.23 -22.08
CA SER B 95 16.69 16.07 -23.23
C SER B 95 15.36 16.78 -23.00
N LEU B 96 14.48 16.19 -22.17
CA LEU B 96 13.15 16.70 -21.84
C LEU B 96 13.12 17.40 -20.50
N SER B 97 14.11 17.13 -19.62
CA SER B 97 14.18 17.61 -18.23
C SER B 97 12.89 17.18 -17.48
N ALA B 98 12.51 15.89 -17.68
CA ALA B 98 11.28 15.30 -17.14
C ALA B 98 11.39 13.80 -16.82
N VAL B 99 10.49 13.31 -15.95
CA VAL B 99 10.36 11.90 -15.60
C VAL B 99 9.51 11.28 -16.71
N VAL B 100 9.98 10.16 -17.28
CA VAL B 100 9.27 9.47 -18.36
C VAL B 100 8.99 8.00 -17.96
N PHE B 101 7.88 7.46 -18.44
CA PHE B 101 7.47 6.09 -18.14
C PHE B 101 7.26 5.30 -19.40
N GLY B 102 7.43 3.99 -19.31
CA GLY B 102 7.07 3.07 -20.36
C GLY B 102 5.55 2.92 -20.32
N GLY B 103 4.97 2.27 -21.32
CA GLY B 103 3.53 2.11 -21.40
C GLY B 103 2.96 1.03 -20.49
N GLY B 104 3.83 0.26 -19.85
CA GLY B 104 3.47 -0.82 -18.97
C GLY B 104 3.29 -2.17 -19.63
N THR B 105 3.82 -3.20 -18.99
CA THR B 105 3.65 -4.59 -19.43
C THR B 105 2.73 -5.28 -18.43
N LYS B 106 1.58 -5.73 -18.90
CA LYS B 106 0.63 -6.48 -18.09
C LYS B 106 1.07 -7.92 -18.06
N LEU B 107 1.52 -8.39 -16.88
CA LEU B 107 1.94 -9.77 -16.73
C LEU B 107 0.75 -10.65 -16.30
N THR B 108 0.46 -11.72 -17.05
CA THR B 108 -0.56 -12.70 -16.66
C THR B 108 0.20 -13.88 -16.07
N VAL B 109 -0.18 -14.31 -14.86
CA VAL B 109 0.41 -15.50 -14.24
C VAL B 109 -0.59 -16.63 -14.53
N LEU B 110 -0.15 -17.66 -15.24
CA LEU B 110 -1.02 -18.78 -15.60
C LEU B 110 -1.21 -19.71 -14.40
N GLY B 116 -2.66 -24.18 -4.08
CA GLY B 116 -2.03 -25.49 -3.89
C GLY B 116 -0.51 -25.46 -3.75
N GLY B 117 0.16 -25.18 -4.87
CA GLY B 117 1.62 -25.08 -4.94
C GLY B 117 2.13 -23.65 -4.84
N GLY B 118 3.42 -23.51 -4.51
CA GLY B 118 4.13 -22.24 -4.35
C GLY B 118 4.11 -21.70 -2.92
N GLU B 119 4.33 -20.38 -2.78
CA GLU B 119 4.27 -19.71 -1.48
C GLU B 119 2.78 -19.48 -1.12
N VAL B 120 2.52 -19.12 0.15
CA VAL B 120 1.17 -18.73 0.59
C VAL B 120 0.87 -17.42 -0.20
N GLN B 121 -0.22 -17.42 -0.96
CA GLN B 121 -0.62 -16.24 -1.74
C GLN B 121 -2.11 -15.95 -1.53
N LEU B 122 -2.43 -14.67 -1.36
CA LEU B 122 -3.77 -14.15 -1.11
C LEU B 122 -3.96 -13.03 -2.11
N VAL B 123 -4.66 -13.33 -3.21
CA VAL B 123 -4.78 -12.38 -4.32
C VAL B 123 -6.15 -11.71 -4.35
N GLU B 124 -6.17 -10.42 -4.13
CA GLU B 124 -7.39 -9.62 -4.05
C GLU B 124 -7.81 -8.94 -5.30
N SER B 125 -9.14 -8.76 -5.46
CA SER B 125 -9.78 -8.06 -6.57
C SER B 125 -11.19 -7.56 -6.16
N GLY B 126 -11.81 -6.74 -7.03
CA GLY B 126 -13.17 -6.24 -6.79
C GLY B 126 -13.31 -4.85 -6.21
N GLY B 127 -12.19 -4.20 -5.82
CA GLY B 127 -12.21 -2.85 -5.28
C GLY B 127 -12.64 -1.81 -6.30
N GLY B 128 -12.86 -0.60 -5.88
CA GLY B 128 -13.23 0.43 -6.85
C GLY B 128 -13.85 1.65 -6.26
N LEU B 129 -14.31 2.55 -7.14
CA LEU B 129 -14.95 3.78 -6.73
C LEU B 129 -16.46 3.60 -6.90
N VAL B 130 -17.22 3.95 -5.85
CA VAL B 130 -18.70 3.86 -5.81
C VAL B 130 -19.24 5.05 -5.05
N GLN B 131 -20.50 5.33 -5.26
CA GLN B 131 -21.21 6.44 -4.61
C GLN B 131 -21.71 5.93 -3.24
N PRO B 132 -21.93 6.83 -2.26
CA PRO B 132 -22.57 6.39 -1.01
C PRO B 132 -23.93 5.73 -1.31
N GLY B 133 -24.17 4.59 -0.67
CA GLY B 133 -25.38 3.80 -0.91
C GLY B 133 -25.16 2.71 -1.94
N GLY B 134 -23.96 2.70 -2.53
CA GLY B 134 -23.58 1.72 -3.54
C GLY B 134 -23.17 0.38 -2.94
N SER B 135 -22.73 -0.53 -3.79
CA SER B 135 -22.31 -1.85 -3.36
C SER B 135 -21.15 -2.39 -4.18
N LEU B 136 -20.34 -3.25 -3.56
CA LEU B 136 -19.18 -3.90 -4.19
C LEU B 136 -19.01 -5.30 -3.63
N ARG B 137 -18.36 -6.17 -4.40
CA ARG B 137 -18.00 -7.49 -3.91
C ARG B 137 -16.49 -7.66 -4.04
N LEU B 138 -15.83 -7.94 -2.92
CA LEU B 138 -14.39 -8.19 -2.96
C LEU B 138 -14.17 -9.70 -3.01
N SER B 139 -13.10 -10.11 -3.67
CA SER B 139 -12.68 -11.50 -3.79
C SER B 139 -11.23 -11.63 -3.33
N CYS B 140 -10.90 -12.80 -2.78
CA CYS B 140 -9.55 -13.16 -2.38
C CYS B 140 -9.34 -14.57 -2.88
N ALA B 141 -8.43 -14.75 -3.86
CA ALA B 141 -8.10 -16.05 -4.40
C ALA B 141 -6.83 -16.55 -3.69
N ALA B 142 -6.99 -17.64 -2.95
CA ALA B 142 -5.91 -18.23 -2.17
C ALA B 142 -5.17 -19.34 -2.89
N SER B 143 -3.88 -19.47 -2.64
CA SER B 143 -3.06 -20.58 -3.17
C SER B 143 -1.87 -20.81 -2.24
N GLY B 144 -1.24 -21.99 -2.37
CA GLY B 144 -0.07 -22.32 -1.58
C GLY B 144 -0.36 -22.95 -0.23
N PHE B 145 -1.63 -23.36 0.01
CA PHE B 145 -2.04 -23.99 1.26
C PHE B 145 -3.38 -24.64 1.09
N THR B 146 -3.78 -25.50 2.02
CA THR B 146 -5.09 -26.17 1.95
C THR B 146 -6.14 -25.15 2.48
N PHE B 147 -6.75 -24.39 1.55
CA PHE B 147 -7.72 -23.32 1.84
C PHE B 147 -8.86 -23.73 2.76
N ASN B 148 -9.47 -24.90 2.49
CA ASN B 148 -10.60 -25.38 3.27
C ASN B 148 -10.33 -25.73 4.75
N THR B 149 -9.07 -25.74 5.21
CA THR B 149 -8.80 -26.01 6.64
C THR B 149 -8.60 -24.67 7.41
N TYR B 150 -8.60 -23.51 6.72
CA TYR B 150 -8.33 -22.24 7.38
C TYR B 150 -9.51 -21.32 7.51
N ALA B 151 -9.65 -20.73 8.69
CA ALA B 151 -10.50 -19.58 8.94
C ALA B 151 -9.81 -18.40 8.16
N MET B 152 -10.59 -17.40 7.70
CA MET B 152 -10.06 -16.22 7.02
C MET B 152 -10.68 -14.97 7.64
N ASN B 153 -9.96 -13.85 7.57
CA ASN B 153 -10.45 -12.55 8.08
C ASN B 153 -10.25 -11.46 7.05
N TRP B 154 -11.13 -10.45 7.08
CA TRP B 154 -10.99 -9.24 6.29
C TRP B 154 -10.60 -8.17 7.32
N VAL B 155 -9.58 -7.38 6.99
CA VAL B 155 -9.08 -6.28 7.84
C VAL B 155 -8.94 -5.07 6.90
N ARG B 156 -9.41 -3.90 7.32
CA ARG B 156 -9.32 -2.70 6.49
C ARG B 156 -8.46 -1.63 7.11
N GLN B 157 -7.96 -0.73 6.24
CA GLN B 157 -7.08 0.36 6.59
C GLN B 157 -7.49 1.60 5.78
N ALA B 158 -8.16 2.53 6.43
CA ALA B 158 -8.58 3.79 5.79
C ALA B 158 -7.32 4.63 5.49
N PRO B 159 -7.25 5.35 4.32
CA PRO B 159 -6.04 6.13 4.00
C PRO B 159 -5.49 6.99 5.13
N GLY B 160 -4.20 6.79 5.41
CA GLY B 160 -3.44 7.44 6.47
C GLY B 160 -3.87 7.04 7.87
N LYS B 161 -4.60 5.93 8.00
CA LYS B 161 -5.11 5.46 9.29
C LYS B 161 -4.68 4.01 9.62
N GLY B 162 -5.06 3.57 10.81
CA GLY B 162 -4.73 2.26 11.34
C GLY B 162 -5.56 1.10 10.81
N LEU B 163 -5.33 -0.08 11.41
CA LEU B 163 -6.01 -1.32 11.04
C LEU B 163 -7.30 -1.52 11.83
N GLU B 164 -8.33 -2.03 11.15
CA GLU B 164 -9.61 -2.31 11.78
C GLU B 164 -10.10 -3.66 11.27
N TRP B 165 -10.34 -4.61 12.20
CA TRP B 165 -10.91 -5.92 11.84
C TRP B 165 -12.34 -5.74 11.33
N VAL B 166 -12.69 -6.43 10.25
CA VAL B 166 -14.01 -6.30 9.59
C VAL B 166 -14.90 -7.50 9.85
N ALA B 167 -14.42 -8.68 9.46
CA ALA B 167 -15.21 -9.91 9.54
C ALA B 167 -14.34 -11.15 9.50
N ARG B 168 -14.88 -12.25 10.05
CA ARG B 168 -14.23 -13.54 10.14
C ARG B 168 -15.15 -14.60 9.63
N ILE B 169 -14.60 -15.62 8.97
CA ILE B 169 -15.32 -16.82 8.55
C ILE B 169 -14.45 -18.04 8.92
N ARG B 170 -14.98 -18.96 9.71
CA ARG B 170 -14.21 -20.15 10.06
C ARG B 170 -14.27 -21.15 8.91
N SER B 171 -13.47 -22.20 9.02
CA SER B 171 -13.47 -23.28 8.05
C SER B 171 -14.75 -24.14 8.22
N LYS B 172 -14.93 -25.11 7.30
CA LYS B 172 -15.98 -26.13 7.29
C LYS B 172 -15.99 -26.92 8.59
N TYR B 173 -14.81 -27.09 9.24
CA TYR B 173 -14.63 -27.83 10.48
C TYR B 173 -15.13 -27.10 11.70
N ASN B 174 -15.52 -25.82 11.51
CA ASN B 174 -16.07 -25.00 12.57
C ASN B 174 -17.41 -24.41 12.10
N ASN B 175 -18.13 -25.17 11.27
CA ASN B 175 -19.45 -24.86 10.72
C ASN B 175 -19.55 -23.54 9.92
N TYR B 176 -18.42 -23.06 9.32
CA TYR B 176 -18.34 -21.81 8.54
C TYR B 176 -18.87 -20.62 9.37
N ALA B 177 -18.66 -20.65 10.69
CA ALA B 177 -19.12 -19.62 11.61
C ALA B 177 -18.59 -18.21 11.18
N THR B 178 -19.48 -17.23 11.13
CA THR B 178 -19.17 -15.86 10.71
C THR B 178 -19.26 -14.88 11.87
N TYR B 179 -18.41 -13.86 11.86
CA TYR B 179 -18.36 -12.81 12.91
C TYR B 179 -18.09 -11.50 12.20
N TYR B 180 -18.72 -10.42 12.69
CA TYR B 180 -18.65 -9.08 12.10
C TYR B 180 -18.35 -8.01 13.10
N ALA B 181 -17.60 -6.98 12.68
CA ALA B 181 -17.40 -5.79 13.50
C ALA B 181 -18.75 -5.05 13.51
N ASP B 182 -19.04 -4.38 14.62
CA ASP B 182 -20.29 -3.60 14.79
C ASP B 182 -20.47 -2.55 13.69
N SER B 183 -19.35 -1.93 13.22
CA SER B 183 -19.38 -0.91 12.15
C SER B 183 -19.90 -1.43 10.81
N VAL B 184 -19.87 -2.77 10.56
CA VAL B 184 -20.31 -3.34 9.29
C VAL B 184 -21.50 -4.29 9.39
N LYS B 185 -21.93 -4.57 10.62
CA LYS B 185 -23.05 -5.47 10.94
C LYS B 185 -24.30 -5.11 10.10
N ASP B 186 -24.89 -6.11 9.45
CA ASP B 186 -26.10 -5.98 8.61
C ASP B 186 -25.89 -5.35 7.25
N ARG B 187 -24.66 -4.91 6.92
CA ARG B 187 -24.37 -4.30 5.62
C ARG B 187 -23.42 -5.20 4.83
N PHE B 188 -22.45 -5.82 5.54
CA PHE B 188 -21.48 -6.68 4.85
C PHE B 188 -21.75 -8.16 5.15
N THR B 189 -21.35 -9.03 4.20
CA THR B 189 -21.44 -10.47 4.34
C THR B 189 -20.14 -11.08 3.88
N ILE B 190 -19.51 -11.86 4.77
CA ILE B 190 -18.30 -12.61 4.48
C ILE B 190 -18.77 -14.00 4.05
N SER B 191 -18.13 -14.58 3.02
CA SER B 191 -18.47 -15.92 2.55
C SER B 191 -17.25 -16.56 1.88
N ARG B 192 -17.35 -17.86 1.58
CA ARG B 192 -16.27 -18.55 0.91
C ARG B 192 -16.81 -19.61 -0.06
N ASP B 193 -16.03 -19.90 -1.08
CA ASP B 193 -16.30 -20.98 -2.00
C ASP B 193 -15.02 -21.79 -2.02
N ASP B 194 -14.98 -22.86 -1.23
CA ASP B 194 -13.81 -23.74 -1.05
C ASP B 194 -13.36 -24.40 -2.34
N SER B 195 -14.32 -24.80 -3.19
CA SER B 195 -14.07 -25.41 -4.48
C SER B 195 -13.35 -24.42 -5.45
N LYS B 196 -13.44 -23.11 -5.18
CA LYS B 196 -12.75 -22.08 -5.97
C LYS B 196 -11.59 -21.48 -5.19
N ASN B 197 -11.28 -22.00 -3.97
CA ASN B 197 -10.22 -21.47 -3.09
C ASN B 197 -10.37 -19.94 -2.88
N SER B 198 -11.63 -19.50 -2.75
CA SER B 198 -11.94 -18.09 -2.69
C SER B 198 -12.71 -17.63 -1.48
N LEU B 199 -12.38 -16.42 -1.03
CA LEU B 199 -13.00 -15.72 0.09
C LEU B 199 -13.67 -14.46 -0.51
N TYR B 200 -14.86 -14.12 -0.02
CA TYR B 200 -15.59 -12.96 -0.53
C TYR B 200 -16.00 -12.01 0.57
N LEU B 201 -16.17 -10.75 0.22
CA LEU B 201 -16.74 -9.72 1.08
C LEU B 201 -17.79 -8.94 0.25
N GLN B 202 -19.08 -9.18 0.54
CA GLN B 202 -20.16 -8.45 -0.12
C GLN B 202 -20.37 -7.21 0.75
N MET B 203 -20.26 -6.04 0.14
CA MET B 203 -20.33 -4.76 0.83
C MET B 203 -21.52 -3.99 0.26
N ASN B 204 -22.62 -3.90 1.02
CA ASN B 204 -23.81 -3.18 0.59
C ASN B 204 -23.92 -1.92 1.39
N SER B 205 -24.83 -1.01 0.95
CA SER B 205 -25.13 0.22 1.68
C SER B 205 -23.88 0.97 2.10
N LEU B 206 -22.94 1.13 1.16
CA LEU B 206 -21.64 1.77 1.42
C LEU B 206 -21.71 3.22 1.83
N LYS B 207 -20.89 3.57 2.82
CA LYS B 207 -20.76 4.92 3.34
C LYS B 207 -19.36 5.45 3.03
N THR B 208 -19.20 6.80 2.99
CA THR B 208 -17.89 7.44 2.80
C THR B 208 -16.85 6.91 3.81
N GLU B 209 -17.27 6.65 5.05
CA GLU B 209 -16.36 6.11 6.07
C GLU B 209 -15.93 4.62 5.84
N ASP B 210 -16.47 3.94 4.81
CA ASP B 210 -16.00 2.59 4.45
C ASP B 210 -14.79 2.68 3.51
N THR B 211 -14.40 3.92 3.10
CA THR B 211 -13.25 4.13 2.22
C THR B 211 -12.01 3.59 2.93
N ALA B 212 -11.30 2.64 2.28
CA ALA B 212 -10.13 1.97 2.86
C ALA B 212 -9.51 1.00 1.90
N VAL B 213 -8.29 0.55 2.23
CA VAL B 213 -7.67 -0.59 1.57
C VAL B 213 -8.16 -1.83 2.39
N TYR B 214 -8.73 -2.83 1.71
CA TYR B 214 -9.24 -4.03 2.37
C TYR B 214 -8.29 -5.17 2.17
N TYR B 215 -7.91 -5.85 3.26
CA TYR B 215 -6.99 -6.98 3.19
C TYR B 215 -7.66 -8.29 3.61
N CYS B 216 -7.34 -9.36 2.90
CA CYS B 216 -7.76 -10.65 3.40
C CYS B 216 -6.52 -11.17 4.14
N VAL B 217 -6.76 -11.88 5.24
CA VAL B 217 -5.69 -12.28 6.16
C VAL B 217 -5.89 -13.73 6.57
N ARG B 218 -4.79 -14.51 6.56
CA ARG B 218 -4.76 -15.92 6.94
C ARG B 218 -3.88 -16.14 8.19
N HIS B 219 -4.34 -17.00 9.12
CA HIS B 219 -3.57 -17.29 10.33
C HIS B 219 -2.27 -18.10 10.08
N GLY B 220 -1.36 -18.04 11.03
CA GLY B 220 -0.10 -18.75 10.94
C GLY B 220 0.48 -19.10 12.29
N ASN B 221 1.27 -20.18 12.34
CA ASN B 221 1.89 -20.64 13.58
C ASN B 221 3.04 -19.70 13.96
N PHE B 222 3.01 -19.14 15.19
CA PHE B 222 4.12 -18.29 15.66
C PHE B 222 4.83 -19.13 16.70
N GLY B 223 5.67 -20.04 16.21
CA GLY B 223 6.32 -21.05 17.02
C GLY B 223 5.34 -22.19 17.17
N ASN B 224 5.53 -23.06 18.16
CA ASN B 224 4.63 -24.20 18.32
C ASN B 224 3.55 -24.06 19.38
N SER B 225 3.44 -22.85 20.00
CA SER B 225 2.49 -22.62 21.08
C SER B 225 1.49 -21.47 20.88
N TYR B 226 1.58 -20.77 19.72
CA TYR B 226 0.66 -19.67 19.41
C TYR B 226 0.31 -19.60 17.93
N VAL B 227 -0.96 -19.27 17.64
CA VAL B 227 -1.46 -19.07 16.28
C VAL B 227 -1.95 -17.62 16.12
N SER B 228 -1.23 -16.82 15.32
CA SER B 228 -1.65 -15.42 15.09
C SER B 228 -2.62 -15.37 13.95
N TRP B 229 -3.74 -14.64 14.12
CA TRP B 229 -4.74 -14.43 13.04
C TRP B 229 -4.15 -13.54 11.94
N PHE B 230 -3.08 -12.79 12.26
CA PHE B 230 -2.47 -11.76 11.42
C PHE B 230 -1.13 -12.12 10.77
N ALA B 231 -0.92 -13.39 10.43
CA ALA B 231 0.35 -13.85 9.84
C ALA B 231 0.55 -13.42 8.37
N TYR B 232 -0.36 -13.83 7.49
CA TYR B 232 -0.25 -13.60 6.05
C TYR B 232 -1.35 -12.68 5.60
N TRP B 233 -0.99 -11.67 4.82
CA TRP B 233 -1.93 -10.67 4.30
C TRP B 233 -1.85 -10.63 2.78
N GLY B 234 -2.98 -10.35 2.12
CA GLY B 234 -3.01 -10.10 0.69
C GLY B 234 -2.47 -8.72 0.42
N GLN B 235 -2.29 -8.35 -0.86
CA GLN B 235 -1.73 -7.03 -1.22
C GLN B 235 -2.69 -5.84 -0.96
N GLY B 236 -3.96 -6.13 -0.74
CA GLY B 236 -4.94 -5.09 -0.50
C GLY B 236 -5.63 -4.61 -1.77
N THR B 237 -6.89 -4.21 -1.63
CA THR B 237 -7.70 -3.66 -2.72
C THR B 237 -8.37 -2.40 -2.16
N LEU B 238 -8.29 -1.29 -2.91
CA LEU B 238 -8.84 -0.01 -2.50
C LEU B 238 -10.32 0.13 -2.81
N VAL B 239 -11.09 0.51 -1.80
CA VAL B 239 -12.51 0.77 -1.96
C VAL B 239 -12.68 2.26 -1.63
N THR B 240 -13.15 3.06 -2.59
CA THR B 240 -13.40 4.48 -2.35
C THR B 240 -14.90 4.72 -2.49
N VAL B 241 -15.46 5.30 -1.47
CA VAL B 241 -16.89 5.64 -1.45
C VAL B 241 -16.93 7.14 -1.40
N SER B 242 -17.42 7.75 -2.49
CA SER B 242 -17.44 9.21 -2.59
C SER B 242 -18.59 9.71 -3.46
N SER B 243 -19.15 10.88 -3.12
CA SER B 243 -20.18 11.55 -3.92
C SER B 243 -19.52 12.41 -5.03
N GLY B 244 -18.17 12.51 -5.02
CA GLY B 244 -17.41 13.31 -5.98
C GLY B 244 -17.68 14.80 -5.85
N GLY B 245 -17.98 15.23 -4.62
CA GLY B 245 -18.33 16.61 -4.29
C GLY B 245 -19.70 17.03 -4.77
N CYS B 246 -20.50 16.07 -5.29
CA CYS B 246 -21.86 16.31 -5.79
C CYS B 246 -22.83 16.41 -4.62
#